data_3HJL
#
_entry.id   3HJL
#
_cell.length_a   59.997
_cell.length_b   65.840
_cell.length_c   67.791
_cell.angle_alpha   90.000
_cell.angle_beta   110.990
_cell.angle_gamma   90.000
#
_symmetry.space_group_name_H-M   'P 1 21 1'
#
loop_
_entity.id
_entity.type
_entity.pdbx_description
1 polymer 'Flagellar motor switch protein fliG'
2 water water
#
_entity_poly.entity_id   1
_entity_poly.type   'polypeptide(L)'
_entity_poly.pdbx_seq_one_letter_code
;GMAQEKSALSKAQKAAVLLLSLPEEVSMNIVKELSEEELQKLFALAKDLESVPEEEIENIAEELLDEIKKAGIKIKKPEE
FIENIKKVIPPTLAEKFRGILELGDAEKILKEIEKVDSRILASLLKNEHPQTIALFLSQLSPKKSAEIIQNLPEELKKEV
VKRIATLENVNVQYVKELAQILLEEISSLGAKEALKLEGTAVAAELLNTLDKETRELILQSIGQEDPLLEERIREKMFTF
EDIRKLSDRDIIEILKVVDKNTLMIALLGAPEDIKQKFLSNMSKRAAKLFLEDMEALGPVKKSEIEKAQRQVVNIIRKMI
DEGKIEIGD
;
_entity_poly.pdbx_strand_id   A
#
# COMPACT_ATOMS: atom_id res chain seq x y z
N LYS A 6 -29.38 39.79 -3.92
CA LYS A 6 -29.34 39.32 -2.50
C LYS A 6 -28.27 40.04 -1.67
N SER A 7 -28.16 41.35 -1.85
CA SER A 7 -27.19 42.18 -1.11
C SER A 7 -27.74 42.47 0.30
N ALA A 8 -28.97 42.99 0.36
CA ALA A 8 -29.66 43.20 1.65
C ALA A 8 -29.96 41.84 2.34
N LEU A 9 -30.24 40.81 1.54
CA LEU A 9 -30.41 39.44 2.06
C LEU A 9 -29.13 38.89 2.72
N SER A 10 -27.95 39.15 2.14
CA SER A 10 -26.69 38.68 2.72
C SER A 10 -26.29 39.46 3.97
N LYS A 11 -26.55 40.77 3.99
CA LYS A 11 -26.35 41.59 5.19
C LYS A 11 -27.24 41.06 6.32
N ALA A 12 -28.51 40.77 6.01
CA ALA A 12 -29.43 40.14 6.98
C ALA A 12 -28.95 38.77 7.42
N GLN A 13 -28.40 37.99 6.49
CA GLN A 13 -27.84 36.67 6.80
C GLN A 13 -26.60 36.76 7.72
N LYS A 14 -25.76 37.76 7.49
CA LYS A 14 -24.63 38.05 8.39
C LYS A 14 -25.13 38.38 9.79
N ALA A 15 -26.09 39.30 9.88
CA ALA A 15 -26.73 39.65 11.16
C ALA A 15 -27.25 38.40 11.88
N ALA A 16 -27.90 37.51 11.13
CA ALA A 16 -28.42 36.23 11.67
C ALA A 16 -27.30 35.36 12.25
N VAL A 17 -26.21 35.24 11.50
CA VAL A 17 -25.08 34.43 11.93
C VAL A 17 -24.36 35.06 13.13
N LEU A 18 -24.19 36.39 13.10
CA LEU A 18 -23.60 37.12 14.22
C LEU A 18 -24.40 36.92 15.50
N LEU A 19 -25.73 37.07 15.41
CA LEU A 19 -26.63 36.87 16.57
C LEU A 19 -26.35 35.54 17.28
N LEU A 20 -26.19 34.49 16.49
CA LEU A 20 -25.96 33.14 17.02
C LEU A 20 -24.49 32.82 17.39
N SER A 21 -23.53 33.52 16.78
CA SER A 21 -22.08 33.26 16.92
C SER A 21 -21.33 34.13 17.94
N LEU A 22 -21.77 35.39 18.10
CA LEU A 22 -21.14 36.34 19.03
C LEU A 22 -21.21 35.85 20.48
N PRO A 23 -20.32 36.37 21.35
CA PRO A 23 -20.39 36.02 22.77
C PRO A 23 -21.72 36.43 23.40
N GLU A 24 -22.17 35.71 24.42
CA GLU A 24 -23.45 36.00 25.06
C GLU A 24 -23.52 37.36 25.74
N GLU A 25 -22.37 37.89 26.18
CA GLU A 25 -22.31 39.25 26.76
C GLU A 25 -22.78 40.30 25.74
N VAL A 26 -22.32 40.11 24.50
CA VAL A 26 -22.67 41.00 23.38
C VAL A 26 -24.11 40.77 22.90
N SER A 27 -24.46 39.52 22.63
CA SER A 27 -25.78 39.18 22.06
C SER A 27 -26.97 39.20 23.03
N MET A 28 -26.74 39.16 24.35
CA MET A 28 -27.86 39.27 25.32
C MET A 28 -28.53 40.64 25.19
N ASN A 29 -27.70 41.68 24.99
CA ASN A 29 -28.18 43.05 24.80
C ASN A 29 -28.94 43.21 23.48
N ILE A 30 -28.46 42.53 22.44
CA ILE A 30 -29.12 42.54 21.13
C ILE A 30 -30.53 42.00 21.25
N VAL A 31 -30.68 40.86 21.93
CA VAL A 31 -31.98 40.19 22.13
C VAL A 31 -32.99 41.06 22.89
N LYS A 32 -32.49 41.76 23.92
CA LYS A 32 -33.32 42.65 24.74
C LYS A 32 -33.91 43.84 23.97
N GLU A 33 -33.11 44.44 23.08
CA GLU A 33 -33.54 45.57 22.25
C GLU A 33 -34.45 45.16 21.09
N LEU A 34 -34.17 44.01 20.50
CA LEU A 34 -34.97 43.46 19.41
C LEU A 34 -36.32 42.94 19.92
N SER A 35 -37.36 43.11 19.09
CA SER A 35 -38.70 42.57 19.37
C SER A 35 -38.73 41.08 19.02
N GLU A 36 -39.84 40.43 19.30
CA GLU A 36 -39.99 38.98 19.01
C GLU A 36 -40.05 38.71 17.50
N GLU A 37 -40.75 39.60 16.77
CA GLU A 37 -40.82 39.51 15.29
C GLU A 37 -39.44 39.58 14.64
N GLU A 38 -38.60 40.51 15.12
CA GLU A 38 -37.25 40.70 14.62
C GLU A 38 -36.36 39.52 14.90
N LEU A 39 -36.36 39.05 16.15
CA LEU A 39 -35.60 37.85 16.54
C LEU A 39 -36.00 36.62 15.70
N GLN A 40 -37.30 36.46 15.43
CA GLN A 40 -37.78 35.34 14.59
C GLN A 40 -37.39 35.49 13.11
N LYS A 41 -37.35 36.72 12.60
CA LYS A 41 -36.85 36.95 11.24
C LYS A 41 -35.38 36.52 11.18
N LEU A 42 -34.60 36.89 12.19
CA LEU A 42 -33.19 36.48 12.25
C LEU A 42 -33.02 34.96 12.38
N PHE A 43 -33.89 34.29 13.14
CA PHE A 43 -33.81 32.82 13.27
C PHE A 43 -34.17 32.13 11.96
N ALA A 44 -35.22 32.61 11.29
CA ALA A 44 -35.62 32.05 9.99
C ALA A 44 -34.53 32.25 8.93
N LEU A 45 -33.86 33.39 8.97
CA LEU A 45 -32.70 33.65 8.09
C LEU A 45 -31.57 32.63 8.29
N ALA A 46 -31.23 32.33 9.56
CA ALA A 46 -30.16 31.38 9.89
C ALA A 46 -30.54 29.96 9.45
N LYS A 47 -31.77 29.56 9.78
CA LYS A 47 -32.31 28.25 9.40
C LYS A 47 -32.34 28.02 7.88
N ASP A 48 -32.61 29.08 7.11
CA ASP A 48 -32.73 28.98 5.66
C ASP A 48 -31.41 29.29 4.91
N LEU A 49 -30.28 29.30 5.63
CA LEU A 49 -28.97 29.55 4.99
C LEU A 49 -28.59 28.44 4.00
N GLU A 50 -27.99 28.84 2.88
CA GLU A 50 -27.43 27.90 1.92
C GLU A 50 -26.21 27.24 2.53
N SER A 51 -25.93 26.00 2.10
CA SER A 51 -24.75 25.27 2.57
C SER A 51 -23.50 25.84 1.93
N VAL A 52 -22.38 25.83 2.66
CA VAL A 52 -21.12 26.39 2.20
C VAL A 52 -19.96 25.47 2.57
N PRO A 53 -19.04 25.17 1.62
CA PRO A 53 -17.83 24.39 1.93
C PRO A 53 -17.06 24.89 3.15
N GLU A 54 -16.45 23.97 3.89
CA GLU A 54 -15.77 24.30 5.16
C GLU A 54 -14.69 25.38 5.02
N GLU A 55 -13.86 25.27 3.98
CA GLU A 55 -12.80 26.23 3.68
C GLU A 55 -13.37 27.64 3.45
N GLU A 56 -14.52 27.72 2.79
CA GLU A 56 -15.21 28.99 2.56
C GLU A 56 -15.92 29.52 3.81
N ILE A 57 -16.36 28.64 4.72
CA ILE A 57 -16.95 29.07 6.01
C ILE A 57 -15.88 29.70 6.90
N GLU A 58 -14.66 29.18 6.84
CA GLU A 58 -13.51 29.78 7.57
C GLU A 58 -13.18 31.19 7.08
N ASN A 59 -13.20 31.40 5.76
CA ASN A 59 -12.95 32.71 5.16
C ASN A 59 -14.07 33.70 5.50
N ILE A 60 -15.32 33.24 5.48
CA ILE A 60 -16.48 34.02 5.95
C ILE A 60 -16.35 34.39 7.43
N ALA A 61 -15.95 33.41 8.25
CA ALA A 61 -15.78 33.58 9.70
C ALA A 61 -14.70 34.61 10.01
N GLU A 62 -13.58 34.49 9.32
CA GLU A 62 -12.45 35.41 9.49
C GLU A 62 -12.73 36.81 8.94
N GLU A 63 -13.58 36.91 7.92
CA GLU A 63 -14.01 38.20 7.41
C GLU A 63 -14.90 38.85 8.47
N LEU A 64 -15.94 38.13 8.89
CA LEU A 64 -16.88 38.58 9.96
C LEU A 64 -16.16 39.00 11.24
N LEU A 65 -15.16 38.21 11.64
CA LEU A 65 -14.39 38.49 12.84
C LEU A 65 -13.62 39.81 12.69
N ASP A 66 -12.96 40.00 11.55
CA ASP A 66 -12.22 41.24 11.25
C ASP A 66 -13.16 42.45 11.12
N GLU A 67 -14.34 42.21 10.58
CA GLU A 67 -15.35 43.24 10.33
C GLU A 67 -15.91 43.79 11.66
N ILE A 68 -16.26 42.89 12.58
CA ILE A 68 -16.80 43.28 13.89
C ILE A 68 -15.74 43.82 14.87
N LYS A 69 -14.48 43.42 14.70
CA LYS A 69 -13.36 44.01 15.46
C LYS A 69 -13.18 45.47 15.02
N LYS A 70 -13.23 45.71 13.71
CA LYS A 70 -13.18 47.07 13.15
C LYS A 70 -14.46 47.88 13.45
N ALA A 71 -15.58 47.19 13.64
CA ALA A 71 -16.83 47.83 14.07
C ALA A 71 -16.79 48.29 15.54
N GLY A 72 -15.85 47.76 16.33
CA GLY A 72 -15.64 48.16 17.72
C GLY A 72 -16.20 47.21 18.76
N ILE A 73 -16.19 45.91 18.46
CA ILE A 73 -16.64 44.85 19.38
C ILE A 73 -15.45 43.97 19.73
N LYS A 74 -15.20 43.79 21.04
CA LYS A 74 -14.07 42.97 21.52
C LYS A 74 -14.47 41.50 21.57
N ILE A 75 -13.61 40.65 21.00
CA ILE A 75 -13.83 39.20 20.92
C ILE A 75 -12.75 38.47 21.72
N LYS A 76 -13.11 38.01 22.92
CA LYS A 76 -12.15 37.37 23.84
C LYS A 76 -11.72 35.97 23.39
N LYS A 77 -12.66 35.21 22.82
CA LYS A 77 -12.41 33.86 22.32
C LYS A 77 -12.74 33.79 20.82
N PRO A 78 -11.81 34.27 19.95
CA PRO A 78 -12.06 34.28 18.50
C PRO A 78 -12.21 32.91 17.86
N GLU A 79 -11.52 31.90 18.38
CA GLU A 79 -11.60 30.54 17.81
C GLU A 79 -12.97 29.91 18.11
N GLU A 80 -13.54 30.27 19.26
CA GLU A 80 -14.89 29.81 19.64
C GLU A 80 -15.97 30.48 18.77
N PHE A 81 -15.71 31.71 18.34
CA PHE A 81 -16.56 32.42 17.39
C PHE A 81 -16.57 31.71 16.02
N ILE A 82 -15.38 31.29 15.54
CA ILE A 82 -15.27 30.59 14.25
C ILE A 82 -16.06 29.27 14.26
N GLU A 83 -15.95 28.51 15.35
CA GLU A 83 -16.65 27.23 15.51
C GLU A 83 -18.16 27.43 15.56
N ASN A 84 -18.60 28.48 16.25
CA ASN A 84 -20.04 28.79 16.32
C ASN A 84 -20.64 29.11 14.95
N ILE A 85 -19.90 29.85 14.12
CA ILE A 85 -20.31 30.11 12.73
C ILE A 85 -20.36 28.80 11.91
N LYS A 86 -19.43 27.87 12.19
CA LYS A 86 -19.44 26.55 11.54
C LYS A 86 -20.63 25.66 11.93
N LYS A 87 -21.24 25.91 13.09
CA LYS A 87 -22.47 25.20 13.49
C LYS A 87 -23.71 25.78 12.80
N VAL A 88 -23.73 27.09 12.62
CA VAL A 88 -24.85 27.80 12.02
C VAL A 88 -24.98 27.50 10.53
N ILE A 89 -23.88 27.71 9.80
CA ILE A 89 -23.86 27.53 8.34
C ILE A 89 -23.76 26.02 8.04
N PRO A 90 -24.80 25.42 7.41
CA PRO A 90 -24.80 23.95 7.23
C PRO A 90 -23.76 23.42 6.22
N PRO A 91 -23.44 22.12 6.29
CA PRO A 91 -22.47 21.53 5.37
C PRO A 91 -23.11 21.17 4.03
N THR A 92 -22.27 21.00 3.01
CA THR A 92 -22.73 20.69 1.65
C THR A 92 -23.03 19.20 1.50
N LEU A 93 -23.79 18.84 0.47
CA LEU A 93 -24.09 17.42 0.15
C LEU A 93 -22.81 16.64 -0.10
N ALA A 94 -21.85 17.27 -0.79
CA ALA A 94 -20.54 16.66 -1.04
C ALA A 94 -19.85 16.26 0.26
N GLU A 95 -19.85 17.17 1.25
CA GLU A 95 -19.26 16.89 2.57
C GLU A 95 -20.02 15.79 3.31
N LYS A 96 -21.35 15.77 3.19
CA LYS A 96 -22.16 14.69 3.75
C LYS A 96 -21.84 13.34 3.10
N PHE A 97 -21.63 13.35 1.79
CA PHE A 97 -21.25 12.14 1.04
C PHE A 97 -19.86 11.65 1.46
N ARG A 98 -18.91 12.57 1.62
CA ARG A 98 -17.56 12.23 2.08
C ARG A 98 -17.58 11.49 3.41
N GLY A 99 -18.29 12.06 4.38
CA GLY A 99 -18.47 11.42 5.69
C GLY A 99 -19.10 10.04 5.59
N ILE A 100 -20.10 9.91 4.72
CA ILE A 100 -20.75 8.63 4.47
C ILE A 100 -19.76 7.61 3.89
N LEU A 101 -18.95 8.04 2.92
CA LEU A 101 -17.94 7.18 2.28
C LEU A 101 -16.84 6.75 3.23
N GLU A 102 -16.39 7.67 4.09
CA GLU A 102 -15.44 7.38 5.15
C GLU A 102 -15.98 6.33 6.11
N LEU A 103 -17.22 6.52 6.56
CA LEU A 103 -17.88 5.54 7.43
C LEU A 103 -18.04 4.19 6.75
N GLY A 104 -18.37 4.20 5.46
CA GLY A 104 -18.54 2.96 4.70
C GLY A 104 -17.24 2.18 4.55
N ASP A 105 -16.12 2.90 4.36
CA ASP A 105 -14.81 2.26 4.25
C ASP A 105 -14.38 1.62 5.57
N ALA A 106 -14.55 2.34 6.69
CA ALA A 106 -14.31 1.78 8.03
C ALA A 106 -15.16 0.54 8.29
N GLU A 107 -16.43 0.58 7.89
CA GLU A 107 -17.31 -0.58 8.00
C GLU A 107 -16.82 -1.78 7.18
N LYS A 108 -16.39 -1.52 5.96
CA LYS A 108 -15.85 -2.56 5.07
C LYS A 108 -14.59 -3.23 5.68
N ILE A 109 -13.70 -2.42 6.23
CA ILE A 109 -12.51 -2.91 6.89
C ILE A 109 -12.85 -3.78 8.09
N LEU A 110 -13.74 -3.31 8.96
CA LEU A 110 -14.14 -4.06 10.15
C LEU A 110 -14.93 -5.34 9.82
N LYS A 111 -15.63 -5.37 8.68
CA LYS A 111 -16.27 -6.61 8.20
C LYS A 111 -15.24 -7.67 7.81
N GLU A 112 -14.12 -7.26 7.21
CA GLU A 112 -13.02 -8.16 6.89
C GLU A 112 -12.37 -8.71 8.15
N ILE A 113 -12.26 -7.87 9.19
CA ILE A 113 -11.78 -8.27 10.51
C ILE A 113 -12.71 -9.32 11.15
N GLU A 114 -14.01 -9.12 10.95
CA GLU A 114 -15.06 -10.00 11.48
C GLU A 114 -14.98 -11.41 10.87
N LYS A 115 -14.48 -11.53 9.64
CA LYS A 115 -14.26 -12.82 9.01
C LYS A 115 -13.09 -13.61 9.58
N VAL A 116 -12.14 -12.91 10.22
CA VAL A 116 -10.92 -13.55 10.71
C VAL A 116 -11.20 -14.33 11.99
N ASP A 117 -10.63 -15.53 12.10
CA ASP A 117 -10.77 -16.38 13.27
C ASP A 117 -10.35 -15.60 14.52
N SER A 118 -11.22 -15.55 15.53
CA SER A 118 -10.98 -14.82 16.79
C SER A 118 -9.74 -15.24 17.57
N ARG A 119 -9.28 -16.48 17.38
CA ARG A 119 -8.01 -16.95 17.97
C ARG A 119 -6.83 -16.22 17.35
N ILE A 120 -6.90 -15.98 16.04
CA ILE A 120 -5.88 -15.24 15.31
C ILE A 120 -5.87 -13.76 15.72
N LEU A 121 -7.06 -13.17 15.84
CA LEU A 121 -7.19 -11.78 16.28
C LEU A 121 -6.71 -11.60 17.74
N ALA A 122 -7.10 -12.52 18.63
CA ALA A 122 -6.64 -12.52 20.03
C ALA A 122 -5.12 -12.61 20.11
N SER A 123 -4.55 -13.52 19.32
CA SER A 123 -3.09 -13.72 19.24
C SER A 123 -2.34 -12.47 18.78
N LEU A 124 -2.84 -11.83 17.72
CA LEU A 124 -2.26 -10.57 17.24
C LEU A 124 -2.46 -9.36 18.17
N LEU A 125 -3.49 -9.41 19.02
CA LEU A 125 -3.82 -8.28 19.89
C LEU A 125 -3.23 -8.35 21.31
N LYS A 126 -2.86 -9.54 21.76
CA LYS A 126 -2.54 -9.74 23.20
C LYS A 126 -1.32 -9.02 23.77
N ASN A 127 -0.34 -8.72 22.92
CA ASN A 127 0.86 -7.94 23.32
C ASN A 127 0.69 -6.43 23.09
N GLU A 128 -0.46 -6.03 22.57
CA GLU A 128 -0.78 -4.63 22.31
C GLU A 128 -1.15 -3.99 23.65
N HIS A 129 -1.07 -2.67 23.72
CA HIS A 129 -1.44 -1.95 24.94
C HIS A 129 -2.94 -2.18 25.21
N PRO A 130 -3.35 -2.44 26.48
CA PRO A 130 -4.76 -2.72 26.79
C PRO A 130 -5.78 -1.68 26.27
N GLN A 131 -5.41 -0.40 26.30
CA GLN A 131 -6.22 0.69 25.73
C GLN A 131 -6.43 0.54 24.21
N THR A 132 -5.41 0.06 23.51
CA THR A 132 -5.49 -0.23 22.07
C THR A 132 -6.45 -1.39 21.77
N ILE A 133 -6.40 -2.42 22.62
CA ILE A 133 -7.28 -3.58 22.48
C ILE A 133 -8.75 -3.15 22.73
N ALA A 134 -8.94 -2.32 23.76
CA ALA A 134 -10.26 -1.79 24.12
C ALA A 134 -10.86 -0.93 23.02
N LEU A 135 -10.04 -0.01 22.49
CA LEU A 135 -10.46 0.85 21.37
C LEU A 135 -10.86 0.04 20.14
N PHE A 136 -10.12 -1.03 19.86
CA PHE A 136 -10.40 -1.94 18.73
C PHE A 136 -11.69 -2.75 18.96
N LEU A 137 -11.80 -3.37 20.13
CA LEU A 137 -12.97 -4.16 20.48
C LEU A 137 -14.25 -3.32 20.61
N SER A 138 -14.13 -2.06 21.01
CA SER A 138 -15.28 -1.15 21.10
C SER A 138 -16.05 -1.01 19.77
N GLN A 139 -15.35 -1.18 18.65
CA GLN A 139 -15.94 -1.05 17.31
C GLN A 139 -16.44 -2.36 16.68
N LEU A 140 -16.21 -3.49 17.33
CA LEU A 140 -16.62 -4.79 16.80
C LEU A 140 -18.01 -5.17 17.32
N SER A 141 -18.61 -6.21 16.75
CA SER A 141 -19.90 -6.69 17.19
C SER A 141 -19.68 -7.36 18.56
N PRO A 142 -20.66 -7.23 19.49
CA PRO A 142 -20.56 -7.84 20.84
C PRO A 142 -20.10 -9.29 20.87
N LYS A 143 -20.53 -10.09 19.90
CA LYS A 143 -20.15 -11.49 19.84
C LYS A 143 -18.70 -11.68 19.37
N LYS A 144 -18.22 -10.86 18.43
CA LYS A 144 -16.80 -10.89 18.05
C LYS A 144 -15.90 -10.50 19.20
N SER A 145 -16.19 -9.34 19.82
CA SER A 145 -15.40 -8.88 20.95
C SER A 145 -15.41 -9.88 22.10
N ALA A 146 -16.54 -10.57 22.30
CA ALA A 146 -16.64 -11.63 23.31
C ALA A 146 -15.75 -12.83 23.00
N GLU A 147 -15.75 -13.26 21.74
CA GLU A 147 -14.90 -14.38 21.28
C GLU A 147 -13.42 -14.07 21.43
N ILE A 148 -13.04 -12.84 21.10
CA ILE A 148 -11.63 -12.40 21.23
C ILE A 148 -11.26 -12.36 22.70
N ILE A 149 -12.12 -11.76 23.53
CA ILE A 149 -11.89 -11.68 24.97
C ILE A 149 -11.67 -13.06 25.59
N GLN A 150 -12.48 -14.04 25.21
CA GLN A 150 -12.34 -15.41 25.71
C GLN A 150 -11.00 -16.08 25.39
N ASN A 151 -10.39 -15.71 24.26
CA ASN A 151 -9.06 -16.20 23.85
C ASN A 151 -7.86 -15.35 24.35
N LEU A 152 -8.13 -14.31 25.15
CA LEU A 152 -7.05 -13.52 25.77
C LEU A 152 -6.74 -14.11 27.15
N PRO A 153 -5.58 -13.75 27.75
CA PRO A 153 -5.30 -14.13 29.14
C PRO A 153 -6.27 -13.48 30.12
N GLU A 154 -6.40 -14.07 31.31
CA GLU A 154 -7.43 -13.69 32.31
C GLU A 154 -7.36 -12.24 32.82
N GLU A 155 -6.16 -11.79 33.19
CA GLU A 155 -5.98 -10.42 33.69
C GLU A 155 -6.14 -9.38 32.58
N LEU A 156 -5.94 -9.80 31.32
CA LEU A 156 -6.15 -8.93 30.17
C LEU A 156 -7.64 -8.82 29.81
N LYS A 157 -8.42 -9.90 30.03
CA LYS A 157 -9.90 -9.86 29.85
C LYS A 157 -10.53 -8.75 30.67
N LYS A 158 -10.13 -8.70 31.95
CA LYS A 158 -10.68 -7.75 32.91
C LYS A 158 -10.24 -6.31 32.59
N GLU A 159 -8.98 -6.15 32.19
CA GLU A 159 -8.41 -4.83 31.93
C GLU A 159 -8.94 -4.20 30.64
N VAL A 160 -9.16 -5.03 29.62
CA VAL A 160 -9.73 -4.56 28.36
C VAL A 160 -11.19 -4.14 28.53
N VAL A 161 -11.98 -4.95 29.24
CA VAL A 161 -13.39 -4.65 29.49
C VAL A 161 -13.56 -3.39 30.37
N LYS A 162 -12.68 -3.23 31.36
CA LYS A 162 -12.67 -2.05 32.22
C LYS A 162 -12.39 -0.78 31.40
N ARG A 163 -11.43 -0.89 30.48
CA ARG A 163 -11.05 0.22 29.62
C ARG A 163 -12.13 0.52 28.57
N ILE A 164 -12.79 -0.51 28.06
CA ILE A 164 -13.96 -0.33 27.20
C ILE A 164 -15.04 0.44 27.98
N ALA A 165 -15.27 0.05 29.24
CA ALA A 165 -16.24 0.69 30.13
C ALA A 165 -16.01 2.19 30.32
N THR A 166 -14.74 2.58 30.41
CA THR A 166 -14.37 3.98 30.64
C THR A 166 -14.36 4.85 29.37
N LEU A 167 -14.49 4.23 28.18
CA LEU A 167 -14.47 4.99 26.92
C LEU A 167 -15.66 5.92 26.83
N GLU A 168 -15.37 7.17 26.47
CA GLU A 168 -16.40 8.16 26.15
C GLU A 168 -16.36 8.56 24.67
N ASN A 169 -15.19 8.35 24.03
CA ASN A 169 -14.95 8.67 22.63
C ASN A 169 -14.05 7.61 21.99
N VAL A 170 -14.11 7.53 20.66
CA VAL A 170 -13.23 6.69 19.86
C VAL A 170 -13.00 7.36 18.51
N ASN A 171 -11.74 7.55 18.11
CA ASN A 171 -11.43 8.04 16.76
C ASN A 171 -11.53 6.88 15.77
N VAL A 172 -12.47 6.98 14.84
CA VAL A 172 -12.74 5.93 13.86
C VAL A 172 -11.54 5.64 12.93
N GLN A 173 -10.87 6.69 12.48
CA GLN A 173 -9.72 6.54 11.59
C GLN A 173 -8.54 5.83 12.25
N TYR A 174 -8.35 6.08 13.54
CA TYR A 174 -7.30 5.40 14.32
C TYR A 174 -7.53 3.89 14.37
N VAL A 175 -8.78 3.51 14.65
CA VAL A 175 -9.16 2.11 14.75
C VAL A 175 -9.13 1.42 13.39
N LYS A 176 -9.60 2.12 12.36
CA LYS A 176 -9.51 1.67 10.96
C LYS A 176 -8.07 1.35 10.58
N GLU A 177 -7.16 2.27 10.88
CA GLU A 177 -5.73 2.07 10.62
C GLU A 177 -5.18 0.87 11.40
N LEU A 178 -5.60 0.72 12.65
CA LEU A 178 -5.25 -0.44 13.52
C LEU A 178 -5.71 -1.76 12.82
N ALA A 179 -6.92 -1.73 12.29
CA ALA A 179 -7.52 -2.88 11.63
C ALA A 179 -6.81 -3.24 10.34
N GLN A 180 -6.45 -2.23 9.55
CA GLN A 180 -5.70 -2.44 8.30
C GLN A 180 -4.28 -2.98 8.53
N ILE A 181 -3.61 -2.50 9.58
CA ILE A 181 -2.29 -3.05 9.99
C ILE A 181 -2.42 -4.52 10.43
N LEU A 182 -3.54 -4.85 11.07
CA LEU A 182 -3.82 -6.21 11.53
C LEU A 182 -4.08 -7.11 10.30
N LEU A 183 -4.79 -6.59 9.29
CA LEU A 183 -5.05 -7.34 8.05
C LEU A 183 -3.78 -7.62 7.25
N GLU A 184 -2.90 -6.63 7.18
CA GLU A 184 -1.58 -6.77 6.56
C GLU A 184 -0.65 -7.74 7.31
N GLU A 185 -0.75 -7.76 8.63
CA GLU A 185 0.01 -8.68 9.46
C GLU A 185 -0.45 -10.13 9.25
N ILE A 186 -1.75 -10.32 9.06
CA ILE A 186 -2.34 -11.63 8.76
C ILE A 186 -1.87 -12.10 7.39
N SER A 187 -1.87 -11.17 6.43
CA SER A 187 -1.37 -11.45 5.07
C SER A 187 0.13 -11.77 5.08
N SER A 188 0.87 -11.12 5.97
CA SER A 188 2.32 -11.35 6.14
C SER A 188 2.62 -12.69 6.82
N LEU A 189 1.83 -13.05 7.83
CA LEU A 189 1.95 -14.35 8.48
C LEU A 189 1.58 -15.50 7.52
N GLY A 190 0.59 -15.28 6.66
CA GLY A 190 0.19 -16.26 5.64
C GLY A 190 1.32 -16.56 4.67
N ALA A 191 2.06 -15.54 4.25
CA ALA A 191 3.24 -15.70 3.38
C ALA A 191 4.36 -16.50 4.05
N LYS A 192 4.58 -16.23 5.33
CA LYS A 192 5.54 -16.98 6.15
C LYS A 192 5.10 -18.44 6.34
N GLU A 193 3.80 -18.66 6.47
CA GLU A 193 3.24 -20.00 6.63
C GLU A 193 3.30 -20.82 5.30
N ALA A 194 3.34 -20.11 4.16
CA ALA A 194 3.35 -20.74 2.85
C ALA A 194 4.74 -21.19 2.41
N LEU A 195 4.80 -22.28 1.67
CA LEU A 195 6.04 -22.74 1.04
C LEU A 195 6.46 -21.72 -0.01
N LYS A 196 7.72 -21.29 0.04
CA LYS A 196 8.25 -20.34 -0.93
C LYS A 196 8.38 -21.06 -2.26
N LEU A 197 7.99 -20.38 -3.34
CA LEU A 197 7.90 -21.01 -4.65
C LEU A 197 8.39 -20.03 -5.72
N GLU A 198 9.30 -20.48 -6.58
CA GLU A 198 9.83 -19.64 -7.66
C GLU A 198 8.94 -19.82 -8.89
N GLY A 199 7.84 -19.07 -8.90
CA GLY A 199 6.83 -19.15 -9.96
C GLY A 199 7.32 -19.01 -11.39
N THR A 200 8.27 -18.10 -11.62
CA THR A 200 8.89 -17.94 -12.95
C THR A 200 9.60 -19.23 -13.40
N ALA A 201 10.23 -19.92 -12.45
CA ALA A 201 10.90 -21.20 -12.72
C ALA A 201 9.91 -22.32 -13.01
N VAL A 202 8.88 -22.43 -12.18
CA VAL A 202 7.83 -23.44 -12.35
C VAL A 202 7.11 -23.24 -13.71
N ALA A 203 6.78 -21.99 -14.03
CA ALA A 203 6.17 -21.64 -15.32
C ALA A 203 7.10 -21.97 -16.50
N ALA A 204 8.39 -21.74 -16.32
CA ALA A 204 9.40 -22.06 -17.32
C ALA A 204 9.48 -23.56 -17.67
N GLU A 205 9.47 -24.44 -16.66
CA GLU A 205 9.50 -25.90 -16.87
C GLU A 205 8.30 -26.35 -17.67
N LEU A 206 7.13 -25.88 -17.24
CA LEU A 206 5.84 -26.19 -17.87
C LEU A 206 5.89 -25.80 -19.35
N LEU A 207 6.30 -24.55 -19.62
CA LEU A 207 6.43 -24.05 -21.00
C LEU A 207 7.44 -24.88 -21.82
N ASN A 208 8.59 -25.20 -21.21
CA ASN A 208 9.58 -26.07 -21.86
C ASN A 208 9.08 -27.49 -22.15
N THR A 209 8.09 -27.94 -21.37
CA THR A 209 7.44 -29.23 -21.60
C THR A 209 6.38 -29.13 -22.71
N LEU A 210 5.68 -27.99 -22.77
CA LEU A 210 4.71 -27.68 -23.85
C LEU A 210 5.42 -27.61 -25.21
N ASP A 211 4.73 -27.99 -26.29
CA ASP A 211 5.30 -27.92 -27.64
C ASP A 211 5.44 -26.45 -28.07
N LYS A 212 6.45 -26.17 -28.90
CA LYS A 212 6.79 -24.78 -29.31
C LYS A 212 5.61 -23.92 -29.76
N GLU A 213 4.68 -24.50 -30.50
CA GLU A 213 3.48 -23.78 -30.94
C GLU A 213 2.69 -23.21 -29.76
N THR A 214 2.38 -24.07 -28.78
CA THR A 214 1.65 -23.65 -27.58
C THR A 214 2.50 -22.73 -26.70
N ARG A 215 3.73 -23.18 -26.42
CA ARG A 215 4.70 -22.43 -25.58
C ARG A 215 4.92 -20.99 -26.04
N GLU A 216 5.15 -20.80 -27.34
CA GLU A 216 5.43 -19.47 -27.91
C GLU A 216 4.19 -18.58 -27.97
N LEU A 217 3.02 -19.17 -28.24
CA LEU A 217 1.75 -18.40 -28.24
C LEU A 217 1.37 -17.89 -26.84
N ILE A 218 1.66 -18.68 -25.81
CA ILE A 218 1.41 -18.27 -24.43
C ILE A 218 2.34 -17.11 -24.03
N LEU A 219 3.63 -17.28 -24.27
CA LEU A 219 4.63 -16.28 -23.93
C LEU A 219 4.41 -14.94 -24.64
N GLN A 220 4.07 -15.00 -25.93
CA GLN A 220 3.80 -13.80 -26.73
C GLN A 220 2.66 -12.97 -26.13
N SER A 221 1.56 -13.64 -25.77
CA SER A 221 0.41 -13.00 -25.13
C SER A 221 0.76 -12.40 -23.76
N ILE A 222 1.58 -13.11 -22.99
CA ILE A 222 2.06 -12.60 -21.69
C ILE A 222 2.92 -11.36 -21.88
N GLY A 223 3.74 -11.37 -22.93
CA GLY A 223 4.62 -10.23 -23.25
C GLY A 223 3.89 -8.97 -23.69
N GLN A 224 2.78 -9.12 -24.38
CA GLN A 224 1.97 -7.97 -24.84
C GLN A 224 1.38 -7.16 -23.68
N GLU A 225 0.82 -7.86 -22.69
CA GLU A 225 0.27 -7.23 -21.48
C GLU A 225 1.38 -6.83 -20.50
N ASP A 226 2.36 -7.73 -20.33
CA ASP A 226 3.46 -7.56 -19.37
C ASP A 226 4.78 -8.07 -20.00
N PRO A 227 5.52 -7.17 -20.72
CA PRO A 227 6.78 -7.61 -21.35
C PRO A 227 7.92 -7.94 -20.37
N LEU A 228 7.83 -7.43 -19.14
CA LEU A 228 8.81 -7.70 -18.10
C LEU A 228 8.65 -9.12 -17.54
N LEU A 229 7.41 -9.58 -17.40
CA LEU A 229 7.14 -10.94 -16.85
C LEU A 229 7.56 -12.00 -17.87
N GLU A 230 7.19 -11.79 -19.14
CA GLU A 230 7.60 -12.69 -20.23
C GLU A 230 9.10 -12.93 -20.20
N GLU A 231 9.86 -11.84 -20.11
CA GLU A 231 11.32 -11.92 -20.10
C GLU A 231 11.87 -12.67 -18.88
N ARG A 232 11.30 -12.41 -17.70
CA ARG A 232 11.71 -13.13 -16.48
C ARG A 232 11.42 -14.63 -16.58
N ILE A 233 10.33 -15.00 -17.28
CA ILE A 233 10.03 -16.40 -17.55
C ILE A 233 11.07 -17.01 -18.49
N ARG A 234 11.38 -16.30 -19.60
CA ARG A 234 12.36 -16.79 -20.59
C ARG A 234 13.76 -16.98 -20.02
N GLU A 235 14.16 -16.10 -19.10
CA GLU A 235 15.43 -16.25 -18.35
C GLU A 235 15.51 -17.60 -17.63
N LYS A 236 14.39 -18.04 -17.07
CA LYS A 236 14.32 -19.34 -16.40
C LYS A 236 14.19 -20.54 -17.34
N MET A 237 13.73 -20.30 -18.59
CA MET A 237 13.60 -21.36 -19.61
C MET A 237 14.94 -21.90 -20.11
N PHE A 238 15.96 -21.02 -20.18
CA PHE A 238 17.33 -21.46 -20.42
C PHE A 238 18.27 -20.77 -19.43
N THR A 239 18.86 -21.61 -18.55
CA THR A 239 19.76 -21.16 -17.50
C THR A 239 21.17 -21.62 -17.85
N PHE A 240 22.17 -21.08 -17.16
CA PHE A 240 23.57 -21.45 -17.39
C PHE A 240 23.82 -22.95 -17.12
N GLU A 241 23.09 -23.51 -16.17
CA GLU A 241 23.19 -24.94 -15.85
C GLU A 241 22.73 -25.82 -17.02
N ASP A 242 21.82 -25.32 -17.87
CA ASP A 242 21.31 -26.07 -19.05
C ASP A 242 22.35 -26.25 -20.16
N ILE A 243 23.53 -25.65 -20.03
CA ILE A 243 24.63 -25.89 -20.95
C ILE A 243 25.00 -27.41 -21.01
N ARG A 244 24.74 -28.13 -19.90
CA ARG A 244 24.88 -29.60 -19.84
C ARG A 244 24.05 -30.34 -20.91
N LYS A 245 22.85 -29.83 -21.21
CA LYS A 245 21.95 -30.45 -22.20
C LYS A 245 22.48 -30.36 -23.65
N LEU A 246 23.28 -29.33 -23.92
CA LEU A 246 23.80 -29.09 -25.28
C LEU A 246 24.81 -30.16 -25.73
N SER A 247 24.94 -30.34 -27.04
CA SER A 247 25.89 -31.28 -27.62
C SER A 247 27.27 -30.65 -27.69
N ASP A 248 28.27 -31.46 -28.03
CA ASP A 248 29.62 -30.96 -28.30
C ASP A 248 29.62 -30.06 -29.53
N ARG A 249 28.79 -30.41 -30.52
CA ARG A 249 28.58 -29.58 -31.73
C ARG A 249 28.12 -28.16 -31.38
N ASP A 250 27.19 -28.07 -30.45
CA ASP A 250 26.63 -26.78 -30.00
C ASP A 250 27.68 -25.90 -29.34
N ILE A 251 28.52 -26.52 -28.52
CA ILE A 251 29.61 -25.85 -27.80
C ILE A 251 30.64 -25.27 -28.77
N ILE A 252 30.98 -26.02 -29.82
CA ILE A 252 31.88 -25.52 -30.89
C ILE A 252 31.37 -24.21 -31.49
N GLU A 253 30.07 -24.14 -31.78
CA GLU A 253 29.45 -22.93 -32.34
C GLU A 253 29.42 -21.77 -31.34
N ILE A 254 29.26 -22.09 -30.05
CA ILE A 254 29.30 -21.08 -28.98
C ILE A 254 30.73 -20.52 -28.83
N LEU A 255 31.72 -21.40 -28.84
CA LEU A 255 33.14 -20.99 -28.78
C LEU A 255 33.57 -20.12 -29.96
N LYS A 256 32.91 -20.28 -31.10
CA LYS A 256 33.14 -19.40 -32.28
C LYS A 256 32.65 -17.95 -32.08
N VAL A 257 31.69 -17.72 -31.17
CA VAL A 257 31.08 -16.40 -30.96
C VAL A 257 31.44 -15.70 -29.63
N VAL A 258 31.43 -16.46 -28.52
CA VAL A 258 31.73 -15.85 -27.19
C VAL A 258 33.16 -15.34 -27.05
N ASP A 259 33.28 -14.23 -26.32
CA ASP A 259 34.58 -13.66 -25.95
C ASP A 259 35.25 -14.58 -24.93
N LYS A 260 36.56 -14.72 -25.03
CA LYS A 260 37.36 -15.56 -24.12
C LYS A 260 37.28 -15.10 -22.67
N ASN A 261 37.46 -13.80 -22.45
CA ASN A 261 37.43 -13.23 -21.09
C ASN A 261 36.06 -13.42 -20.44
N THR A 262 34.99 -13.19 -21.22
CA THR A 262 33.62 -13.40 -20.72
C THR A 262 33.40 -14.86 -20.33
N LEU A 263 33.84 -15.79 -21.18
CA LEU A 263 33.70 -17.23 -20.89
C LEU A 263 34.55 -17.66 -19.69
N MET A 264 35.77 -17.18 -19.60
CA MET A 264 36.65 -17.46 -18.46
C MET A 264 36.00 -17.07 -17.14
N ILE A 265 35.52 -15.82 -17.09
CA ILE A 265 34.88 -15.25 -15.90
C ILE A 265 33.62 -16.01 -15.53
N ALA A 266 32.78 -16.30 -16.53
CA ALA A 266 31.57 -17.11 -16.36
C ALA A 266 31.85 -18.49 -15.76
N LEU A 267 32.94 -19.10 -16.21
CA LEU A 267 33.32 -20.43 -15.74
C LEU A 267 33.94 -20.48 -14.34
N LEU A 268 34.33 -19.34 -13.79
CA LEU A 268 34.86 -19.29 -12.41
C LEU A 268 33.82 -19.77 -11.39
N GLY A 269 32.57 -19.35 -11.59
CA GLY A 269 31.45 -19.79 -10.74
C GLY A 269 30.62 -20.91 -11.35
N ALA A 270 31.23 -21.73 -12.21
CA ALA A 270 30.54 -22.82 -12.91
C ALA A 270 30.96 -24.18 -12.33
N PRO A 271 30.06 -25.18 -12.38
CA PRO A 271 30.43 -26.54 -11.96
C PRO A 271 31.51 -27.15 -12.84
N GLU A 272 32.23 -28.12 -12.31
CA GLU A 272 33.39 -28.70 -13.01
C GLU A 272 33.04 -29.38 -14.34
N ASP A 273 31.88 -30.04 -14.38
CA ASP A 273 31.45 -30.72 -15.61
C ASP A 273 31.10 -29.75 -16.76
N ILE A 274 30.63 -28.55 -16.42
CA ILE A 274 30.36 -27.50 -17.42
C ILE A 274 31.67 -26.84 -17.87
N LYS A 275 32.63 -26.70 -16.95
CA LYS A 275 33.98 -26.26 -17.32
C LYS A 275 34.56 -27.22 -18.36
N GLN A 276 34.56 -28.51 -18.03
CA GLN A 276 35.10 -29.54 -18.94
C GLN A 276 34.33 -29.65 -20.25
N LYS A 277 33.04 -29.29 -20.23
CA LYS A 277 32.22 -29.28 -21.44
C LYS A 277 32.75 -28.29 -22.47
N PHE A 278 33.18 -27.12 -22.01
CA PHE A 278 33.80 -26.11 -22.89
C PHE A 278 35.25 -26.45 -23.22
N LEU A 279 36.04 -26.75 -22.18
CA LEU A 279 37.46 -27.09 -22.33
C LEU A 279 37.75 -28.27 -23.26
N SER A 280 36.89 -29.29 -23.25
CA SER A 280 37.08 -30.48 -24.09
C SER A 280 36.80 -30.22 -25.57
N ASN A 281 36.15 -29.10 -25.90
CA ASN A 281 35.85 -28.72 -27.27
C ASN A 281 36.81 -27.67 -27.86
N MET A 282 37.79 -27.22 -27.06
CA MET A 282 38.87 -26.36 -27.54
C MET A 282 40.03 -27.24 -27.97
N SER A 283 41.07 -26.62 -28.53
CA SER A 283 42.30 -27.32 -28.85
C SER A 283 43.10 -27.51 -27.55
N LYS A 284 44.07 -28.42 -27.58
CA LYS A 284 44.93 -28.72 -26.43
C LYS A 284 45.60 -27.47 -25.88
N ARG A 285 46.18 -26.68 -26.78
CA ARG A 285 46.90 -25.44 -26.42
C ARG A 285 45.96 -24.31 -25.98
N ALA A 286 44.81 -24.17 -26.65
CA ALA A 286 43.81 -23.13 -26.28
C ALA A 286 43.21 -23.46 -24.93
N ALA A 287 42.90 -24.73 -24.69
CA ALA A 287 42.38 -25.19 -23.39
C ALA A 287 43.40 -25.00 -22.26
N LYS A 288 44.65 -25.39 -22.52
CA LYS A 288 45.73 -25.23 -21.56
C LYS A 288 45.95 -23.75 -21.19
N LEU A 289 46.04 -22.89 -22.21
CA LEU A 289 46.20 -21.44 -21.98
C LEU A 289 44.97 -20.81 -21.28
N PHE A 290 43.78 -21.34 -21.54
CA PHE A 290 42.53 -20.85 -20.95
C PHE A 290 42.50 -21.07 -19.44
N LEU A 291 42.84 -22.28 -19.02
CA LEU A 291 42.94 -22.64 -17.61
C LEU A 291 44.00 -21.82 -16.88
N GLU A 292 45.14 -21.60 -17.55
CA GLU A 292 46.22 -20.80 -17.00
C GLU A 292 45.82 -19.33 -16.82
N ASP A 293 45.19 -18.77 -17.84
CA ASP A 293 44.66 -17.41 -17.75
C ASP A 293 43.50 -17.28 -16.74
N MET A 294 42.73 -18.35 -16.52
CA MET A 294 41.66 -18.36 -15.50
C MET A 294 42.20 -18.13 -14.08
N GLU A 295 43.35 -18.76 -13.75
CA GLU A 295 44.02 -18.50 -12.47
C GLU A 295 44.62 -17.08 -12.44
N ALA A 296 45.07 -16.60 -13.61
CA ALA A 296 45.64 -15.26 -13.77
C ALA A 296 44.71 -14.09 -13.41
N LEU A 297 43.39 -14.33 -13.48
CA LEU A 297 42.39 -13.30 -13.19
C LEU A 297 42.37 -12.79 -11.74
N GLY A 298 42.62 -13.70 -10.78
CA GLY A 298 42.60 -13.33 -9.37
C GLY A 298 41.16 -13.22 -8.87
N PRO A 299 40.93 -12.50 -7.75
CA PRO A 299 39.58 -12.45 -7.18
C PRO A 299 38.59 -11.63 -8.01
N VAL A 300 37.56 -12.30 -8.53
CA VAL A 300 36.52 -11.68 -9.36
C VAL A 300 35.22 -11.67 -8.60
N LYS A 301 34.53 -10.52 -8.57
CA LYS A 301 33.24 -10.39 -7.87
C LYS A 301 32.20 -11.37 -8.39
N LYS A 302 31.35 -11.86 -7.48
CA LYS A 302 30.26 -12.77 -7.84
C LYS A 302 29.30 -12.10 -8.83
N SER A 303 29.03 -10.82 -8.64
CA SER A 303 28.19 -10.05 -9.55
C SER A 303 28.71 -10.05 -10.99
N GLU A 304 30.03 -10.06 -11.15
CA GLU A 304 30.68 -10.11 -12.47
C GLU A 304 30.66 -11.51 -13.07
N ILE A 305 30.84 -12.54 -12.24
CA ILE A 305 30.70 -13.94 -12.68
C ILE A 305 29.27 -14.19 -13.17
N GLU A 306 28.29 -13.69 -12.42
CA GLU A 306 26.87 -13.73 -12.80
C GLU A 306 26.60 -13.02 -14.13
N LYS A 307 27.16 -11.82 -14.30
CA LYS A 307 27.01 -11.03 -15.54
C LYS A 307 27.55 -11.77 -16.78
N ALA A 308 28.75 -12.34 -16.66
CA ALA A 308 29.35 -13.10 -17.74
C ALA A 308 28.53 -14.37 -18.04
N GLN A 309 28.01 -15.02 -17.00
CA GLN A 309 27.13 -16.19 -17.19
C GLN A 309 25.86 -15.88 -17.99
N ARG A 310 25.18 -14.78 -17.66
CA ARG A 310 23.99 -14.36 -18.43
C ARG A 310 24.34 -13.91 -19.85
N GLN A 311 25.54 -13.37 -20.05
CA GLN A 311 26.03 -12.99 -21.38
C GLN A 311 26.21 -14.22 -22.28
N VAL A 312 26.78 -15.28 -21.72
CA VAL A 312 26.90 -16.56 -22.44
C VAL A 312 25.51 -17.12 -22.77
N VAL A 313 24.57 -17.01 -21.82
CA VAL A 313 23.18 -17.44 -22.02
C VAL A 313 22.44 -16.63 -23.11
N ASN A 314 22.66 -15.31 -23.14
CA ASN A 314 22.11 -14.45 -24.21
C ASN A 314 22.58 -14.92 -25.59
N ILE A 315 23.86 -15.26 -25.68
CA ILE A 315 24.45 -15.80 -26.89
C ILE A 315 23.84 -17.16 -27.23
N ILE A 316 23.69 -18.01 -26.21
CA ILE A 316 23.11 -19.34 -26.38
C ILE A 316 21.65 -19.29 -26.89
N ARG A 317 20.87 -18.30 -26.45
CA ARG A 317 19.48 -18.13 -26.90
C ARG A 317 19.36 -17.95 -28.42
N LYS A 318 20.24 -17.13 -28.99
CA LYS A 318 20.31 -16.93 -30.44
C LYS A 318 20.58 -18.24 -31.20
N MET A 319 21.35 -19.15 -30.59
CA MET A 319 21.62 -20.48 -31.17
C MET A 319 20.31 -21.28 -31.21
N ILE A 320 19.53 -21.17 -30.14
CA ILE A 320 18.20 -21.82 -30.06
C ILE A 320 17.22 -21.17 -31.05
N ASP A 321 17.37 -19.86 -31.29
CA ASP A 321 16.57 -19.14 -32.29
C ASP A 321 17.06 -19.33 -33.74
N GLU A 322 18.23 -19.96 -33.93
CA GLU A 322 18.84 -20.14 -35.25
C GLU A 322 19.30 -21.59 -35.51
N GLY A 323 20.47 -21.96 -34.97
CA GLY A 323 21.14 -23.23 -35.31
C GLY A 323 20.92 -24.40 -34.37
N LYS A 324 21.44 -24.27 -33.15
CA LYS A 324 21.39 -25.35 -32.13
C LYS A 324 19.97 -25.79 -31.76
N ILE A 325 19.66 -27.06 -32.00
CA ILE A 325 18.34 -27.62 -31.69
C ILE A 325 18.24 -27.86 -30.18
N GLU A 326 17.05 -27.63 -29.61
CA GLU A 326 16.82 -27.78 -28.17
C GLU A 326 15.32 -27.78 -27.86
#